data_6PY5
#
_entry.id   6PY5
#
_cell.length_a   67.240
_cell.length_b   76.090
_cell.length_c   113.290
_cell.angle_alpha   90.000
_cell.angle_beta   90.000
_cell.angle_gamma   90.000
#
_symmetry.space_group_name_H-M   'I 21 21 21'
#
loop_
_entity.id
_entity.type
_entity.pdbx_description
1 polymer 'Putative methyl-accepting chemotaxis protein'
2 non-polymer SERINE
3 water water
#
_entity_poly.entity_id   1
_entity_poly.type   'polypeptide(L)'
_entity_poly.pdbx_seq_one_letter_code
;GIDPFTQRNAIREDLDNYLNEMGEVTADNIQTWLSGRILLIENAAQNIAINPEPAAVASLLEQKALTSTFMASYLGDATG
HFTIRPDAKMPDGFDPRVRPWYKGAESSSTSTLTEPYIDAATGQTIISIATAAKKAGQSVGVVGGDLSLQTLINTLSARD
FSGMGYAFLVSADGKILVHPDKALVMKSLKEAYPQDTPRISSDFSEVTVDGKTRIVNFTPIKGLPSVNWYIGLSVDKDKA
FSMLSEFRTS
;
_entity_poly.pdbx_strand_id   A
#
# COMPACT_ATOMS: atom_id res chain seq x y z
N ILE A 11 -31.56 4.51 16.98
CA ILE A 11 -30.27 4.95 17.59
C ILE A 11 -29.08 4.10 17.14
N ARG A 12 -29.27 2.80 16.93
CA ARG A 12 -28.22 1.89 16.43
C ARG A 12 -28.28 1.67 14.91
N GLU A 13 -29.47 1.80 14.31
CA GLU A 13 -29.60 1.78 12.85
C GLU A 13 -29.04 3.07 12.24
N ASP A 14 -28.92 4.12 13.03
CA ASP A 14 -28.23 5.34 12.60
C ASP A 14 -26.69 5.18 12.58
N LEU A 15 -26.12 4.59 13.63
CA LEU A 15 -24.67 4.33 13.70
C LEU A 15 -24.25 3.43 12.55
N ASP A 16 -24.96 2.32 12.37
CA ASP A 16 -24.73 1.43 11.21
C ASP A 16 -24.69 2.17 9.86
N ASN A 17 -25.68 3.00 9.59
CA ASN A 17 -25.71 3.77 8.33
C ASN A 17 -24.55 4.74 8.24
N TYR A 18 -24.20 5.36 9.37
CA TYR A 18 -23.08 6.27 9.40
C TYR A 18 -21.75 5.53 9.12
N LEU A 19 -21.60 4.34 9.69
CA LEU A 19 -20.36 3.58 9.53
C LEU A 19 -20.21 3.13 8.09
N ASN A 20 -21.28 2.65 7.49
CA ASN A 20 -21.25 2.20 6.10
C ASN A 20 -20.88 3.29 5.13
N GLU A 21 -21.43 4.47 5.34
CA GLU A 21 -21.13 5.61 4.50
C GLU A 21 -19.71 6.13 4.75
N MET A 22 -19.28 6.20 6.00
CA MET A 22 -17.91 6.62 6.25
C MET A 22 -16.89 5.64 5.64
N GLY A 23 -17.20 4.35 5.70
CA GLY A 23 -16.43 3.32 5.01
C GLY A 23 -16.26 3.57 3.53
N GLU A 24 -17.38 3.80 2.82
CA GLU A 24 -17.35 4.07 1.39
C GLU A 24 -16.53 5.30 1.07
N VAL A 25 -16.70 6.35 1.85
CA VAL A 25 -15.96 7.59 1.62
C VAL A 25 -14.45 7.36 1.86
N THR A 26 -14.10 6.68 2.94
CA THR A 26 -12.69 6.46 3.25
C THR A 26 -12.04 5.59 2.16
N ALA A 27 -12.70 4.51 1.78
CA ALA A 27 -12.23 3.66 0.67
C ALA A 27 -12.06 4.40 -0.63
N ASP A 28 -13.07 5.17 -1.01
CA ASP A 28 -12.94 5.97 -2.22
C ASP A 28 -11.79 6.97 -2.12
N ASN A 29 -11.57 7.57 -0.96
CA ASN A 29 -10.50 8.56 -0.85
C ASN A 29 -9.11 7.92 -1.04
N ILE A 30 -8.87 6.79 -0.37
CA ILE A 30 -7.55 6.12 -0.50
C ILE A 30 -7.38 5.50 -1.90
N GLN A 31 -8.48 5.03 -2.52
CA GLN A 31 -8.46 4.63 -3.94
C GLN A 31 -8.00 5.73 -4.87
N THR A 32 -8.57 6.92 -4.74
CA THR A 32 -8.17 8.04 -5.59
C THR A 32 -6.75 8.53 -5.23
N TRP A 33 -6.38 8.53 -3.96
CA TRP A 33 -5.01 8.85 -3.59
C TRP A 33 -3.99 7.86 -4.19
N LEU A 34 -4.23 6.56 -4.07
CA LEU A 34 -3.35 5.56 -4.73
C LEU A 34 -3.32 5.59 -6.26
N SER A 35 -4.47 5.89 -6.87
CA SER A 35 -4.61 5.77 -8.33
C SER A 35 -3.72 6.70 -9.13
N GLY A 36 -3.60 7.95 -8.70
CA GLY A 36 -2.68 8.90 -9.35
C GLY A 36 -1.22 8.48 -9.23
N ARG A 37 -0.86 7.86 -8.11
CA ARG A 37 0.51 7.36 -7.92
C ARG A 37 0.79 6.14 -8.77
N ILE A 38 -0.17 5.23 -8.87
CA ILE A 38 -0.06 4.08 -9.74
C ILE A 38 0.19 4.55 -11.18
N LEU A 39 -0.57 5.56 -11.63
CA LEU A 39 -0.36 6.11 -12.98
C LEU A 39 1.01 6.72 -13.19
N LEU A 40 1.60 7.37 -12.19
CA LEU A 40 2.96 7.87 -12.33
C LEU A 40 3.99 6.77 -12.51
N ILE A 41 3.82 5.66 -11.80
CA ILE A 41 4.74 4.53 -11.94
C ILE A 41 4.52 3.81 -13.26
N GLU A 42 3.26 3.62 -13.66
CA GLU A 42 3.00 3.06 -14.98
C GLU A 42 3.63 3.90 -16.06
N ASN A 43 3.46 5.21 -15.95
CA ASN A 43 4.01 6.09 -17.00
C ASN A 43 5.54 6.00 -17.02
N ALA A 44 6.17 5.84 -15.86
CA ALA A 44 7.62 5.67 -15.85
C ALA A 44 8.03 4.36 -16.51
N ALA A 45 7.29 3.31 -16.23
CA ALA A 45 7.56 2.00 -16.84
C ALA A 45 7.39 2.09 -18.36
N GLN A 46 6.35 2.80 -18.81
CA GLN A 46 6.19 3.02 -20.26
C GLN A 46 7.33 3.78 -20.92
N ASN A 47 7.76 4.84 -20.27
CA ASN A 47 8.84 5.66 -20.74
C ASN A 47 10.16 4.90 -20.74
N ILE A 48 10.43 4.13 -19.69
CA ILE A 48 11.60 3.27 -19.66
C ILE A 48 11.59 2.26 -20.81
N ALA A 49 10.44 1.68 -21.09
CA ALA A 49 10.35 0.71 -22.18
C ALA A 49 10.69 1.32 -23.54
N ILE A 50 10.49 2.62 -23.73
CA ILE A 50 10.88 3.27 -24.97
C ILE A 50 12.41 3.18 -25.16
N ASN A 51 13.14 3.40 -24.09
CA ASN A 51 14.60 3.42 -24.18
C ASN A 51 15.21 3.05 -22.83
N PRO A 52 15.51 1.75 -22.64
CA PRO A 52 16.05 1.29 -21.36
C PRO A 52 17.55 1.49 -21.12
N GLU A 53 18.23 2.37 -21.86
CA GLU A 53 19.65 2.65 -21.60
C GLU A 53 19.78 3.30 -20.23
N PRO A 54 20.86 3.00 -19.51
CA PRO A 54 20.97 3.45 -18.11
C PRO A 54 20.98 4.96 -17.88
N ALA A 55 21.62 5.71 -18.75
CA ALA A 55 21.61 7.15 -18.64
C ALA A 55 20.17 7.65 -18.82
N ALA A 56 19.43 7.07 -19.77
CA ALA A 56 18.04 7.47 -20.03
C ALA A 56 17.12 7.11 -18.86
N VAL A 57 17.30 5.90 -18.32
CA VAL A 57 16.56 5.48 -17.13
C VAL A 57 16.83 6.44 -15.98
N ALA A 58 18.10 6.73 -15.75
CA ALA A 58 18.45 7.62 -14.65
C ALA A 58 17.77 9.01 -14.79
N SER A 59 17.76 9.53 -16.00
CA SER A 59 17.15 10.85 -16.25
C SER A 59 15.67 10.83 -15.95
N LEU A 60 14.97 9.77 -16.39
CA LEU A 60 13.54 9.63 -16.06
C LEU A 60 13.29 9.64 -14.56
N LEU A 61 14.08 8.90 -13.79
CA LEU A 61 13.75 8.71 -12.39
C LEU A 61 14.09 9.92 -11.53
N GLU A 62 15.01 10.75 -12.01
CA GLU A 62 15.43 11.97 -11.32
C GLU A 62 14.38 13.11 -11.42
N GLN A 63 13.31 12.95 -12.22
CA GLN A 63 12.38 14.07 -12.45
C GLN A 63 11.52 14.36 -11.25
N LYS A 64 11.21 15.65 -11.06
CA LYS A 64 10.54 16.12 -9.86
C LYS A 64 9.18 15.47 -9.58
N ALA A 65 8.41 15.18 -10.62
CA ALA A 65 7.11 14.56 -10.38
C ALA A 65 7.25 13.24 -9.64
N LEU A 66 8.31 12.49 -9.95
CA LEU A 66 8.60 11.25 -9.24
C LEU A 66 9.23 11.48 -7.89
N THR A 67 10.30 12.25 -7.85
CA THR A 67 10.97 12.44 -6.56
C THR A 67 10.15 13.16 -5.53
N SER A 68 9.23 14.04 -5.95
CA SER A 68 8.37 14.72 -4.97
C SER A 68 7.25 13.82 -4.46
N THR A 69 6.93 12.74 -5.17
CA THR A 69 5.80 11.90 -4.84
C THR A 69 6.18 10.62 -4.05
N PHE A 70 7.33 10.05 -4.38
CA PHE A 70 7.83 8.83 -3.77
C PHE A 70 9.08 9.10 -2.95
N MET A 71 9.35 8.24 -1.97
CA MET A 71 10.65 8.28 -1.26
C MET A 71 11.73 8.08 -2.31
N ALA A 72 11.49 7.17 -3.25
CA ALA A 72 12.39 6.85 -4.33
C ALA A 72 11.69 6.00 -5.39
N SER A 73 12.23 6.03 -6.59
CA SER A 73 11.78 5.14 -7.65
C SER A 73 13.00 4.56 -8.30
N TYR A 74 12.83 3.42 -8.94
CA TYR A 74 13.95 2.59 -9.32
C TYR A 74 13.53 1.61 -10.38
N LEU A 75 14.53 1.09 -11.08
CA LEU A 75 14.40 0.02 -12.05
C LEU A 75 15.38 -1.09 -11.71
N GLY A 76 14.88 -2.31 -11.66
CA GLY A 76 15.72 -3.50 -11.57
C GLY A 76 15.43 -4.38 -12.76
N ASP A 77 16.43 -5.14 -13.22
CA ASP A 77 16.22 -6.02 -14.38
C ASP A 77 16.78 -7.42 -14.13
N ALA A 78 16.54 -8.32 -15.08
CA ALA A 78 16.84 -9.74 -14.92
C ALA A 78 18.33 -10.08 -14.78
N THR A 79 19.22 -9.13 -15.05
CA THR A 79 20.64 -9.26 -14.84
C THR A 79 21.08 -8.82 -13.45
N GLY A 80 20.14 -8.29 -12.66
CA GLY A 80 20.51 -7.74 -11.37
C GLY A 80 20.85 -6.27 -11.33
N HIS A 81 20.90 -5.62 -12.47
CA HIS A 81 21.22 -4.20 -12.53
C HIS A 81 20.12 -3.39 -11.84
N PHE A 82 20.53 -2.35 -11.13
CA PHE A 82 19.63 -1.52 -10.34
C PHE A 82 20.00 -0.08 -10.52
N THR A 83 19.03 0.78 -10.82
CA THR A 83 19.15 2.22 -10.75
C THR A 83 18.03 2.75 -9.86
N ILE A 84 18.40 3.60 -8.91
CA ILE A 84 17.50 4.19 -7.97
C ILE A 84 17.73 5.70 -7.87
N ARG A 85 16.64 6.47 -7.88
CA ARG A 85 16.70 7.92 -7.65
C ARG A 85 15.67 8.38 -6.62
N PRO A 86 16.07 9.19 -5.64
CA PRO A 86 17.43 9.67 -5.37
C PRO A 86 18.38 8.52 -5.07
N ASP A 87 19.62 8.63 -5.52
CA ASP A 87 20.57 7.54 -5.33
C ASP A 87 20.74 7.27 -3.87
N ALA A 88 21.01 6.01 -3.55
CA ALA A 88 21.15 5.57 -2.17
C ALA A 88 22.18 4.44 -2.16
N LYS A 89 23.02 4.42 -1.15
CA LYS A 89 23.94 3.29 -0.96
C LYS A 89 23.08 2.11 -0.52
N MET A 90 23.04 1.08 -1.37
CA MET A 90 22.30 -0.13 -1.07
C MET A 90 23.14 -1.14 -0.24
N PRO A 91 22.49 -2.05 0.51
CA PRO A 91 23.28 -3.02 1.27
C PRO A 91 24.20 -3.83 0.36
N ASP A 92 25.32 -4.28 0.92
CA ASP A 92 26.23 -5.10 0.11
C ASP A 92 25.51 -6.35 -0.36
N GLY A 93 25.66 -6.66 -1.64
CA GLY A 93 24.97 -7.78 -2.23
C GLY A 93 23.54 -7.56 -2.68
N PHE A 94 23.03 -6.33 -2.53
CA PHE A 94 21.65 -6.09 -2.94
C PHE A 94 21.35 -6.65 -4.32
N ASP A 95 20.25 -7.37 -4.45
CA ASP A 95 19.85 -7.96 -5.71
C ASP A 95 18.35 -7.69 -5.83
N PRO A 96 17.97 -6.85 -6.81
CA PRO A 96 16.55 -6.48 -6.89
C PRO A 96 15.67 -7.65 -7.26
N ARG A 97 16.23 -8.64 -7.92
CA ARG A 97 15.42 -9.78 -8.34
C ARG A 97 14.80 -10.59 -7.23
N VAL A 98 15.36 -10.52 -6.03
CA VAL A 98 14.82 -11.29 -4.88
C VAL A 98 13.94 -10.43 -3.98
N ARG A 99 13.68 -9.19 -4.36
CA ARG A 99 12.89 -8.30 -3.51
C ARG A 99 11.39 -8.50 -3.77
N PRO A 100 10.54 -8.22 -2.75
CA PRO A 100 9.09 -8.40 -2.90
C PRO A 100 8.42 -7.58 -3.99
N TRP A 101 8.84 -6.33 -4.18
CA TRP A 101 8.29 -5.52 -5.29
C TRP A 101 8.56 -6.17 -6.66
N TYR A 102 9.74 -6.74 -6.79
CA TYR A 102 10.14 -7.31 -8.07
C TYR A 102 9.36 -8.59 -8.35
N LYS A 103 9.36 -9.51 -7.39
CA LYS A 103 8.68 -10.80 -7.58
C LYS A 103 7.20 -10.63 -7.80
N GLY A 104 6.56 -9.73 -7.04
CA GLY A 104 5.15 -9.45 -7.26
C GLY A 104 4.79 -8.93 -8.66
N ALA A 105 5.61 -8.03 -9.18
CA ALA A 105 5.32 -7.42 -10.46
C ALA A 105 5.70 -8.35 -11.61
N GLU A 106 6.82 -9.08 -11.50
CA GLU A 106 7.26 -10.03 -12.56
C GLU A 106 6.16 -11.10 -12.81
N SER A 107 5.50 -11.53 -11.73
CA SER A 107 4.40 -12.49 -11.77
C SER A 107 2.99 -11.88 -11.94
N SER A 108 2.85 -10.86 -12.80
CA SER A 108 1.57 -10.16 -12.92
C SER A 108 1.44 -9.46 -14.24
N SER A 109 0.22 -9.46 -14.79
CA SER A 109 -0.02 -8.81 -16.08
C SER A 109 -0.41 -7.36 -15.88
N THR A 110 -0.56 -6.93 -14.65
CA THR A 110 -0.84 -5.55 -14.39
C THR A 110 0.11 -4.99 -13.34
N SER A 111 -0.09 -3.73 -12.99
CA SER A 111 0.62 -3.12 -11.89
C SER A 111 0.29 -3.82 -10.60
N THR A 112 1.11 -3.60 -9.59
CA THR A 112 0.92 -4.21 -8.27
C THR A 112 1.23 -3.25 -7.14
N LEU A 113 0.69 -3.55 -5.98
CA LEU A 113 1.03 -2.89 -4.74
C LEU A 113 1.55 -3.98 -3.79
N THR A 114 2.63 -3.72 -3.08
CA THR A 114 3.11 -4.68 -2.08
C THR A 114 2.39 -4.53 -0.76
N GLU A 115 2.45 -5.57 0.07
CA GLU A 115 2.18 -5.37 1.49
C GLU A 115 3.37 -4.69 2.12
N PRO A 116 3.21 -4.14 3.33
CA PRO A 116 4.37 -3.55 4.00
C PRO A 116 5.56 -4.53 4.10
N TYR A 117 6.76 -4.00 3.89
CA TYR A 117 8.01 -4.75 3.99
C TYR A 117 9.13 -3.79 4.37
N ILE A 118 10.31 -4.33 4.66
CA ILE A 118 11.43 -3.53 5.17
C ILE A 118 12.25 -2.96 4.03
N ASP A 119 12.25 -1.64 3.90
CA ASP A 119 12.98 -0.98 2.81
C ASP A 119 14.47 -1.27 2.89
N ALA A 120 15.05 -1.74 1.79
CA ALA A 120 16.48 -2.01 1.73
C ALA A 120 17.30 -0.71 1.79
N ALA A 121 16.75 0.41 1.31
CA ALA A 121 17.48 1.63 1.26
C ALA A 121 17.48 2.35 2.60
N THR A 122 16.33 2.49 3.27
CA THR A 122 16.22 3.25 4.54
C THR A 122 16.14 2.37 5.75
N GLY A 123 15.75 1.10 5.60
CA GLY A 123 15.56 0.22 6.74
C GLY A 123 14.24 0.38 7.48
N GLN A 124 13.35 1.24 7.00
CA GLN A 124 12.01 1.45 7.58
C GLN A 124 10.96 0.72 6.76
N THR A 125 9.80 0.52 7.36
CA THR A 125 8.71 -0.22 6.75
C THR A 125 7.98 0.66 5.73
N ILE A 126 7.72 0.09 4.55
CA ILE A 126 7.21 0.85 3.43
C ILE A 126 6.24 -0.02 2.66
N ILE A 127 5.49 0.57 1.73
CA ILE A 127 4.90 -0.21 0.64
C ILE A 127 5.48 0.29 -0.65
N SER A 128 5.32 -0.52 -1.70
CA SER A 128 5.81 -0.11 -3.00
C SER A 128 4.72 -0.34 -4.04
N ILE A 129 4.68 0.56 -5.02
CA ILE A 129 3.90 0.36 -6.23
C ILE A 129 4.91 -0.13 -7.27
N ALA A 130 4.59 -1.19 -7.97
CA ALA A 130 5.58 -1.73 -8.92
C ALA A 130 4.92 -2.29 -10.17
N THR A 131 5.58 -2.11 -11.30
CA THR A 131 5.07 -2.69 -12.54
C THR A 131 6.17 -3.09 -13.52
N ALA A 132 5.90 -4.15 -14.29
CA ALA A 132 6.83 -4.64 -15.31
C ALA A 132 6.85 -3.71 -16.50
N ALA A 133 8.04 -3.27 -16.90
CA ALA A 133 8.25 -2.44 -18.08
C ALA A 133 8.46 -3.32 -19.31
N LYS A 134 7.54 -3.22 -20.25
CA LYS A 134 7.50 -4.14 -21.38
C LYS A 134 7.55 -3.32 -22.66
N LYS A 135 8.58 -3.58 -23.46
CA LYS A 135 8.73 -3.07 -24.81
C LYS A 135 8.39 -4.22 -25.75
N ALA A 136 7.30 -4.08 -26.51
CA ALA A 136 6.92 -5.04 -27.54
C ALA A 136 6.73 -6.43 -26.98
N GLY A 137 5.96 -6.51 -25.90
CA GLY A 137 5.76 -7.75 -25.15
C GLY A 137 6.95 -8.28 -24.33
N GLN A 138 8.20 -7.85 -24.63
CA GLN A 138 9.40 -8.31 -23.94
C GLN A 138 9.67 -7.40 -22.73
N SER A 139 9.96 -8.01 -21.59
CA SER A 139 10.19 -7.24 -20.36
C SER A 139 11.60 -6.67 -20.34
N VAL A 140 11.74 -5.42 -19.90
CA VAL A 140 13.05 -4.77 -19.72
C VAL A 140 13.36 -4.52 -18.24
N GLY A 141 12.48 -4.99 -17.36
CA GLY A 141 12.69 -4.94 -15.93
C GLY A 141 11.42 -4.55 -15.22
N VAL A 142 11.58 -4.21 -13.95
CA VAL A 142 10.49 -3.83 -13.09
C VAL A 142 10.79 -2.47 -12.50
N VAL A 143 9.80 -1.58 -12.59
CA VAL A 143 9.88 -0.25 -11.99
C VAL A 143 9.08 -0.21 -10.71
N GLY A 144 9.64 0.40 -9.69
CA GLY A 144 8.89 0.58 -8.46
C GLY A 144 9.08 1.94 -7.86
N GLY A 145 8.10 2.29 -7.03
CA GLY A 145 8.13 3.52 -6.26
C GLY A 145 7.72 3.25 -4.84
N ASP A 146 8.38 3.89 -3.88
CA ASP A 146 8.18 3.61 -2.45
C ASP A 146 7.39 4.69 -1.73
N LEU A 147 6.51 4.24 -0.85
CA LEU A 147 5.73 5.09 0.04
C LEU A 147 5.89 4.62 1.49
N SER A 148 6.19 5.54 2.38
CA SER A 148 6.44 5.18 3.79
C SER A 148 5.16 4.74 4.50
N LEU A 149 5.32 3.89 5.51
CA LEU A 149 4.23 3.51 6.38
C LEU A 149 3.63 4.77 6.98
N GLN A 150 4.46 5.69 7.42
CA GLN A 150 3.96 6.93 8.05
C GLN A 150 3.05 7.72 7.15
N THR A 151 3.44 7.84 5.89
CA THR A 151 2.59 8.45 4.85
C THR A 151 1.21 7.78 4.73
N LEU A 152 1.18 6.46 4.71
CA LEU A 152 -0.09 5.77 4.65
C LEU A 152 -0.90 6.05 5.92
N ILE A 153 -0.24 5.98 7.08
CA ILE A 153 -0.88 6.27 8.36
C ILE A 153 -1.50 7.67 8.34
N ASN A 154 -0.73 8.68 7.91
CA ASN A 154 -1.29 10.02 7.73
C ASN A 154 -2.48 10.09 6.78
N THR A 155 -2.42 9.39 5.64
CA THR A 155 -3.51 9.42 4.64
C THR A 155 -4.80 8.84 5.24
N LEU A 156 -4.68 7.79 6.04
CA LEU A 156 -5.85 7.19 6.67
C LEU A 156 -6.44 8.02 7.81
N SER A 157 -5.63 8.88 8.41
CA SER A 157 -6.06 9.66 9.57
C SER A 157 -6.47 11.11 9.27
N ALA A 158 -6.27 11.55 8.03
CA ALA A 158 -6.75 12.85 7.57
C ALA A 158 -8.25 13.02 7.81
N ARG A 159 -9.02 11.93 7.74
CA ARG A 159 -10.45 11.86 8.10
C ARG A 159 -10.73 11.91 9.60
N SER A 162 -13.99 11.44 10.99
CA SER A 162 -14.46 10.69 12.14
C SER A 162 -13.81 11.28 13.38
N GLY A 163 -14.64 11.74 14.32
CA GLY A 163 -14.17 12.23 15.64
C GLY A 163 -14.24 11.20 16.76
N MET A 164 -14.95 10.08 16.51
CA MET A 164 -15.21 9.01 17.49
C MET A 164 -14.53 7.66 17.22
N GLY A 165 -13.69 7.60 16.18
CA GLY A 165 -12.91 6.38 15.88
C GLY A 165 -11.83 6.59 14.84
N TYR A 166 -11.30 5.49 14.31
CA TYR A 166 -10.20 5.56 13.33
C TYR A 166 -10.39 4.53 12.22
N ALA A 167 -9.76 4.81 11.09
CA ALA A 167 -9.70 3.89 9.96
C ALA A 167 -8.35 3.14 9.94
N PHE A 168 -8.41 1.88 9.54
CA PHE A 168 -7.20 1.13 9.27
C PHE A 168 -7.36 0.35 7.95
N LEU A 169 -6.25 -0.19 7.48
CA LEU A 169 -6.18 -0.88 6.20
C LEU A 169 -5.82 -2.34 6.44
N VAL A 170 -6.63 -3.23 5.88
CA VAL A 170 -6.50 -4.64 6.12
C VAL A 170 -6.65 -5.38 4.79
N SER A 171 -5.86 -6.43 4.57
CA SER A 171 -5.96 -7.20 3.33
C SER A 171 -7.18 -8.10 3.44
N ALA A 172 -7.55 -8.68 2.31
CA ALA A 172 -8.70 -9.59 2.29
C ALA A 172 -8.38 -10.94 2.94
N ASP A 173 -7.12 -11.22 3.29
CA ASP A 173 -6.79 -12.40 4.09
C ASP A 173 -6.92 -12.12 5.60
N GLY A 174 -7.23 -10.88 5.97
CA GLY A 174 -7.39 -10.49 7.35
C GLY A 174 -6.10 -10.04 8.03
N LYS A 175 -5.10 -9.63 7.22
CA LYS A 175 -3.86 -9.09 7.73
C LYS A 175 -3.93 -7.58 7.80
N ILE A 176 -3.71 -7.03 8.97
CA ILE A 176 -3.69 -5.60 9.15
C ILE A 176 -2.40 -5.07 8.50
N LEU A 177 -2.55 -4.18 7.53
CA LEU A 177 -1.44 -3.59 6.77
C LEU A 177 -1.04 -2.25 7.31
N VAL A 178 -2.01 -1.40 7.61
CA VAL A 178 -1.72 -0.06 8.09
C VAL A 178 -2.71 0.27 9.21
N HIS A 179 -2.16 0.72 10.34
CA HIS A 179 -2.94 0.93 11.55
C HIS A 179 -2.25 2.02 12.38
N PRO A 180 -3.02 2.91 13.01
CA PRO A 180 -2.39 3.96 13.81
C PRO A 180 -1.56 3.42 15.00
N ASP A 181 -1.95 2.28 15.55
CA ASP A 181 -1.13 1.58 16.49
C ASP A 181 -0.14 0.70 15.70
N LYS A 182 1.10 1.18 15.59
CA LYS A 182 2.14 0.54 14.78
C LYS A 182 2.47 -0.88 15.20
N ALA A 183 2.21 -1.22 16.46
CA ALA A 183 2.39 -2.56 16.96
C ALA A 183 1.45 -3.55 16.34
N LEU A 184 0.32 -3.09 15.79
CA LEU A 184 -0.61 -4.00 15.10
C LEU A 184 -0.34 -4.16 13.60
N VAL A 185 0.59 -3.39 13.05
CA VAL A 185 0.93 -3.53 11.64
C VAL A 185 1.42 -4.95 11.34
N MET A 186 0.90 -5.53 10.29
CA MET A 186 1.23 -6.87 9.82
C MET A 186 0.90 -7.99 10.81
N LYS A 187 -0.02 -7.71 11.72
CA LYS A 187 -0.65 -8.74 12.55
C LYS A 187 -1.98 -9.14 11.88
N SER A 188 -2.36 -10.41 11.99
CA SER A 188 -3.68 -10.84 11.62
C SER A 188 -4.71 -10.21 12.60
N LEU A 189 -5.97 -10.16 12.17
CA LEU A 189 -7.04 -9.68 13.04
C LEU A 189 -7.14 -10.53 14.30
N LYS A 190 -6.93 -11.84 14.16
CA LYS A 190 -6.93 -12.76 15.30
C LYS A 190 -5.77 -12.54 16.28
N GLU A 191 -4.55 -12.35 15.78
CA GLU A 191 -3.42 -11.97 16.65
C GLU A 191 -3.63 -10.63 17.30
N ALA A 192 -4.22 -9.68 16.59
CA ALA A 192 -4.40 -8.36 17.16
C ALA A 192 -5.60 -8.32 18.13
N TYR A 193 -6.64 -9.12 17.87
CA TYR A 193 -7.87 -9.09 18.67
C TYR A 193 -8.23 -10.53 18.99
N PRO A 194 -7.48 -11.16 19.90
CA PRO A 194 -7.69 -12.57 20.23
C PRO A 194 -9.08 -12.92 20.78
N GLN A 195 -9.70 -12.02 21.52
CA GLN A 195 -11.09 -12.23 21.97
C GLN A 195 -12.04 -11.36 21.16
N ASP A 196 -13.18 -11.93 20.76
CA ASP A 196 -14.15 -11.25 19.90
C ASP A 196 -13.43 -10.68 18.66
N THR A 197 -12.88 -11.58 17.86
CA THR A 197 -12.11 -11.14 16.69
C THR A 197 -13.11 -10.61 15.66
N PRO A 198 -12.96 -9.35 15.26
CA PRO A 198 -13.72 -8.82 14.11
C PRO A 198 -13.63 -9.68 12.84
N ARG A 199 -14.77 -9.87 12.16
CA ARG A 199 -14.86 -10.78 11.04
C ARG A 199 -15.19 -9.96 9.81
N ILE A 200 -14.38 -10.10 8.76
CA ILE A 200 -14.63 -9.41 7.50
C ILE A 200 -15.94 -9.93 6.88
N SER A 201 -16.34 -11.15 7.24
CA SER A 201 -17.55 -11.77 6.69
C SER A 201 -18.88 -11.19 7.18
N SER A 202 -18.83 -10.40 8.26
CA SER A 202 -20.00 -9.83 8.90
C SER A 202 -20.04 -8.31 8.75
N ASP A 203 -21.27 -7.80 8.76
CA ASP A 203 -21.59 -6.37 8.63
C ASP A 203 -20.95 -5.55 9.72
N PHE A 204 -21.04 -6.04 10.94
CA PHE A 204 -20.49 -5.34 12.07
C PHE A 204 -19.90 -6.31 13.07
N SER A 205 -18.97 -5.79 13.86
CA SER A 205 -18.26 -6.59 14.80
C SER A 205 -18.07 -5.71 15.99
N GLU A 206 -18.32 -6.29 17.18
CA GLU A 206 -18.09 -5.66 18.47
C GLU A 206 -16.95 -6.31 19.24
N VAL A 207 -15.99 -5.49 19.68
CA VAL A 207 -14.82 -6.00 20.41
C VAL A 207 -14.49 -5.04 21.56
N THR A 208 -14.18 -5.61 22.71
CA THR A 208 -13.81 -4.82 23.87
C THR A 208 -12.32 -4.58 23.75
N VAL A 209 -11.90 -3.32 23.88
CA VAL A 209 -10.51 -2.94 23.66
C VAL A 209 -10.10 -1.83 24.62
N ASP A 210 -8.99 -2.03 25.33
CA ASP A 210 -8.47 -1.03 26.28
C ASP A 210 -9.60 -0.48 27.16
N GLY A 211 -10.49 -1.38 27.60
CA GLY A 211 -11.61 -1.03 28.47
C GLY A 211 -12.89 -0.47 27.87
N LYS A 212 -13.02 -0.36 26.56
CA LYS A 212 -14.26 0.15 25.99
C LYS A 212 -14.69 -0.75 24.85
N THR A 213 -16.01 -0.95 24.69
CA THR A 213 -16.53 -1.70 23.57
C THR A 213 -16.41 -0.84 22.29
N ARG A 214 -16.08 -1.50 21.18
CA ARG A 214 -16.01 -0.83 19.89
C ARG A 214 -16.76 -1.60 18.82
N ILE A 215 -17.21 -0.89 17.78
CA ILE A 215 -17.88 -1.50 16.63
C ILE A 215 -16.99 -1.33 15.42
N VAL A 216 -16.87 -2.40 14.64
CA VAL A 216 -15.95 -2.46 13.51
C VAL A 216 -16.69 -2.91 12.28
N ASN A 217 -16.48 -2.22 11.16
CA ASN A 217 -16.87 -2.75 9.86
C ASN A 217 -15.74 -2.65 8.81
N PHE A 218 -15.96 -3.28 7.66
CA PHE A 218 -14.99 -3.36 6.58
C PHE A 218 -15.62 -2.96 5.24
N THR A 219 -14.92 -2.11 4.49
CA THR A 219 -15.37 -1.68 3.18
C THR A 219 -14.31 -1.97 2.14
N PRO A 220 -14.69 -2.64 1.04
CA PRO A 220 -13.69 -2.94 0.01
C PRO A 220 -13.20 -1.72 -0.75
N ILE A 221 -11.91 -1.68 -1.06
CA ILE A 221 -11.36 -0.59 -1.83
C ILE A 221 -11.40 -1.01 -3.28
N LYS A 222 -12.14 -0.28 -4.11
CA LYS A 222 -12.29 -0.63 -5.54
C LYS A 222 -11.11 -0.10 -6.35
N GLY A 223 -10.89 -0.70 -7.51
CA GLY A 223 -10.02 -0.13 -8.52
C GLY A 223 -8.53 -0.16 -8.26
N LEU A 224 -8.06 -1.06 -7.40
CA LEU A 224 -6.64 -1.18 -7.15
C LEU A 224 -6.17 -2.38 -7.92
N PRO A 225 -5.06 -2.26 -8.67
CA PRO A 225 -4.56 -3.42 -9.40
C PRO A 225 -3.88 -4.44 -8.50
N SER A 226 -4.21 -5.71 -8.76
CA SER A 226 -3.59 -6.89 -8.20
C SER A 226 -3.99 -7.24 -6.74
N VAL A 227 -4.56 -6.32 -5.98
CA VAL A 227 -4.74 -6.53 -4.54
C VAL A 227 -6.20 -6.40 -4.24
N ASN A 228 -6.63 -7.05 -3.16
CA ASN A 228 -7.98 -6.92 -2.64
C ASN A 228 -7.87 -6.54 -1.18
N TRP A 229 -7.96 -5.23 -0.92
CA TRP A 229 -7.81 -4.67 0.40
C TRP A 229 -9.13 -4.00 0.88
N TYR A 230 -9.23 -3.78 2.18
CA TYR A 230 -10.41 -3.19 2.82
C TYR A 230 -9.97 -2.04 3.72
N ILE A 231 -10.86 -1.06 3.84
CA ILE A 231 -10.83 -0.13 4.96
C ILE A 231 -11.61 -0.72 6.12
N GLY A 232 -10.94 -0.77 7.26
CA GLY A 232 -11.56 -1.05 8.53
C GLY A 232 -11.88 0.23 9.24
N LEU A 233 -13.08 0.29 9.84
CA LEU A 233 -13.43 1.40 10.73
C LEU A 233 -13.72 0.83 12.09
N SER A 234 -13.14 1.47 13.09
CA SER A 234 -13.31 1.05 14.46
C SER A 234 -13.79 2.25 15.23
N VAL A 235 -14.93 2.08 15.86
CA VAL A 235 -15.58 3.19 16.59
C VAL A 235 -15.97 2.79 18.01
N ASP A 236 -15.71 3.70 18.94
CA ASP A 236 -16.17 3.58 20.34
C ASP A 236 -17.69 3.48 20.38
N LYS A 237 -18.24 2.36 20.81
CA LYS A 237 -19.71 2.16 20.75
C LYS A 237 -20.49 3.25 21.47
N ASP A 238 -20.01 3.67 22.63
CA ASP A 238 -20.73 4.66 23.43
C ASP A 238 -20.92 5.96 22.63
N LYS A 239 -19.82 6.55 22.15
CA LYS A 239 -19.88 7.88 21.57
C LYS A 239 -19.91 7.87 20.04
#